data_3NAD
#
_entry.id   3NAD
#
_cell.length_a   92.107
_cell.length_b   109.964
_cell.length_c   45.428
_cell.angle_alpha   90.000
_cell.angle_beta   90.000
_cell.angle_gamma   90.000
#
_symmetry.space_group_name_H-M   'P 21 21 2'
#
loop_
_entity.id
_entity.type
_entity.pdbx_description
1 polymer 'Ferulate decarboxylase'
2 non-polymer 'SULFATE ION'
3 water water
#
_entity_poly.entity_id   1
_entity_poly.type   'polypeptide(L)'
_entity_poly.pdbx_seq_one_letter_code
;MDQFVGLHMIYTYENGWEYEIYIKNDHTIDYRIHSGMVGGRWVRDQEVNIVKLTKGVYKVSWTEPTGTDVSLNFMPEEKR
MHGVIFFPKWVHERPDITVCYQNDYIDLMKESREKYETYPKYVVPEFADITYIHHAGVNDETIIAEAPYEGMTDEIRAGR
K
;
_entity_poly.pdbx_strand_id   A,B
#
# COMPACT_ATOMS: atom_id res chain seq x y z
N MET A 1 16.16 8.56 -7.75
CA MET A 1 14.80 9.15 -7.92
C MET A 1 14.67 9.86 -9.27
N ASP A 2 15.77 10.45 -9.74
CA ASP A 2 15.75 11.23 -10.98
C ASP A 2 15.60 10.35 -12.22
N GLN A 3 15.79 9.05 -12.04
CA GLN A 3 15.57 8.10 -13.11
C GLN A 3 14.11 7.73 -13.20
N PHE A 4 13.39 7.91 -12.09
CA PHE A 4 12.01 7.46 -11.98
C PHE A 4 11.00 8.62 -12.13
N VAL A 5 11.27 9.73 -11.48
CA VAL A 5 10.39 10.88 -11.62
C VAL A 5 10.49 11.35 -13.07
N GLY A 6 9.32 11.54 -13.70
CA GLY A 6 9.26 11.94 -15.10
C GLY A 6 8.92 10.79 -16.03
N LEU A 7 8.90 9.57 -15.49
CA LEU A 7 8.53 8.42 -16.31
C LEU A 7 7.05 8.42 -16.68
N HIS A 8 6.78 8.04 -17.93
CA HIS A 8 5.46 7.79 -18.45
C HIS A 8 5.39 6.29 -18.77
N MET A 9 4.47 5.58 -18.13
CA MET A 9 4.40 4.12 -18.31
C MET A 9 3.00 3.60 -18.65
N ILE A 10 2.94 2.50 -19.39
CA ILE A 10 1.73 1.71 -19.46
C ILE A 10 2.08 0.34 -18.91
N TYR A 11 1.20 -0.21 -18.09
CA TYR A 11 1.39 -1.58 -17.64
C TYR A 11 0.12 -2.38 -17.94
N THR A 12 0.31 -3.65 -18.26
CA THR A 12 -0.74 -4.48 -18.80
C THR A 12 -0.83 -5.75 -17.95
N TYR A 13 -2.02 -6.01 -17.44
CA TYR A 13 -2.27 -7.20 -16.62
C TYR A 13 -2.45 -8.43 -17.49
N GLU A 14 -2.43 -9.61 -16.86
CA GLU A 14 -2.53 -10.87 -17.59
C GLU A 14 -3.84 -10.93 -18.38
N ASN A 15 -4.90 -10.32 -17.85
CA ASN A 15 -6.19 -10.30 -18.52
C ASN A 15 -6.29 -9.28 -19.65
N GLY A 16 -5.22 -8.51 -19.86
CA GLY A 16 -5.18 -7.56 -20.97
C GLY A 16 -5.51 -6.12 -20.61
N TRP A 17 -5.99 -5.90 -19.38
CA TRP A 17 -6.31 -4.55 -18.95
C TRP A 17 -5.06 -3.68 -18.96
N GLU A 18 -5.19 -2.46 -19.48
CA GLU A 18 -4.05 -1.56 -19.63
C GLU A 18 -4.23 -0.32 -18.77
N TYR A 19 -3.26 -0.08 -17.89
CA TYR A 19 -3.26 1.07 -16.97
C TYR A 19 -2.08 1.97 -17.31
N GLU A 20 -2.29 3.28 -17.26
CA GLU A 20 -1.27 4.24 -17.66
C GLU A 20 -1.02 5.20 -16.52
N ILE A 21 0.26 5.49 -16.27
CA ILE A 21 0.64 6.40 -15.19
C ILE A 21 1.73 7.35 -15.63
N TYR A 22 1.71 8.56 -15.10
CA TYR A 22 2.78 9.52 -15.36
C TYR A 22 3.27 10.07 -14.04
N ILE A 23 4.55 9.86 -13.78
CA ILE A 23 5.16 10.33 -12.54
C ILE A 23 5.57 11.78 -12.76
N LYS A 24 4.60 12.67 -12.53
CA LYS A 24 4.74 14.07 -12.98
C LYS A 24 5.82 14.82 -12.22
N ASN A 25 5.88 14.58 -10.91
CA ASN A 25 6.98 15.10 -10.11
C ASN A 25 7.18 14.22 -8.87
N ASP A 26 8.05 14.64 -7.96
CA ASP A 26 8.39 13.72 -6.86
C ASP A 26 7.28 13.52 -5.81
N HIS A 27 6.13 14.17 -6.01
CA HIS A 27 4.99 13.96 -5.10
C HIS A 27 3.62 13.99 -5.81
N THR A 28 3.62 13.83 -7.14
CA THR A 28 2.38 13.93 -7.91
C THR A 28 2.37 12.96 -9.08
N ILE A 29 1.23 12.34 -9.31
CA ILE A 29 1.02 11.54 -10.51
C ILE A 29 -0.27 11.96 -11.24
N ASP A 30 -0.30 11.69 -12.54
CA ASP A 30 -1.54 11.65 -13.31
C ASP A 30 -1.72 10.19 -13.72
N TYR A 31 -2.97 9.76 -13.90
CA TYR A 31 -3.18 8.41 -14.42
C TYR A 31 -4.44 8.24 -15.25
N ARG A 32 -4.49 7.15 -15.99
CA ARG A 32 -5.54 6.96 -17.00
C ARG A 32 -5.72 5.47 -17.17
N ILE A 33 -6.96 5.01 -17.03
CA ILE A 33 -7.27 3.59 -17.14
CA ILE A 33 -7.27 3.59 -17.15
C ILE A 33 -7.98 3.32 -18.46
N HIS A 34 -7.42 2.40 -19.26
CA HIS A 34 -7.88 2.22 -20.62
C HIS A 34 -8.84 1.07 -20.85
N SER A 35 -8.89 0.15 -19.90
CA SER A 35 -9.73 -1.03 -20.06
C SER A 35 -10.06 -1.65 -18.72
N GLY A 36 -10.98 -2.61 -18.73
CA GLY A 36 -11.37 -3.28 -17.50
C GLY A 36 -12.54 -2.60 -16.82
N MET A 37 -12.78 -3.00 -15.57
CA MET A 37 -13.97 -2.59 -14.85
C MET A 37 -14.06 -1.07 -14.66
N VAL A 38 -12.92 -0.40 -14.57
CA VAL A 38 -12.96 1.06 -14.46
C VAL A 38 -12.30 1.76 -15.64
N GLY A 39 -12.28 1.09 -16.79
CA GLY A 39 -11.80 1.73 -18.01
C GLY A 39 -12.56 3.03 -18.26
N GLY A 40 -11.83 4.09 -18.59
CA GLY A 40 -12.43 5.40 -18.78
C GLY A 40 -12.12 6.34 -17.63
N ARG A 41 -11.77 5.77 -16.48
CA ARG A 41 -11.39 6.58 -15.33
C ARG A 41 -10.04 7.24 -15.55
N TRP A 42 -9.93 8.52 -15.20
CA TRP A 42 -8.63 9.18 -15.26
C TRP A 42 -8.53 10.29 -14.23
N VAL A 43 -7.30 10.59 -13.86
CA VAL A 43 -7.04 11.41 -12.69
C VAL A 43 -5.81 12.27 -12.95
N ARG A 44 -5.89 13.55 -12.60
CA ARG A 44 -4.73 14.45 -12.65
C ARG A 44 -4.38 14.99 -11.27
N ASP A 45 -3.10 15.27 -11.05
CA ASP A 45 -2.65 16.00 -9.87
C ASP A 45 -2.95 15.24 -8.57
N GLN A 46 -2.80 13.93 -8.61
CA GLN A 46 -2.95 13.13 -7.40
C GLN A 46 -1.69 13.21 -6.55
N GLU A 47 -1.83 13.72 -5.32
CA GLU A 47 -0.70 13.76 -4.39
C GLU A 47 -0.30 12.33 -3.97
N VAL A 48 0.99 12.04 -4.00
CA VAL A 48 1.48 10.69 -3.68
C VAL A 48 2.77 10.71 -2.87
N ASN A 49 3.07 9.58 -2.24
CA ASN A 49 4.37 9.34 -1.60
C ASN A 49 5.19 8.52 -2.57
N ILE A 50 6.36 9.01 -2.96
CA ILE A 50 7.24 8.27 -3.84
C ILE A 50 8.61 8.08 -3.17
N VAL A 51 9.05 6.82 -3.07
CA VAL A 51 10.37 6.52 -2.51
C VAL A 51 11.12 5.52 -3.37
N LYS A 52 12.45 5.53 -3.26
CA LYS A 52 13.28 4.53 -3.90
C LYS A 52 13.66 3.53 -2.82
N LEU A 53 13.23 2.28 -2.97
CA LEU A 53 13.49 1.27 -1.95
C LEU A 53 14.93 0.77 -2.02
N THR A 54 15.42 0.61 -3.24
CA THR A 54 16.78 0.17 -3.49
C THR A 54 17.04 0.39 -4.99
N LYS A 55 18.22 0.02 -5.46
CA LYS A 55 18.51 0.20 -6.89
C LYS A 55 17.40 -0.46 -7.73
N GLY A 56 16.77 0.35 -8.58
CA GLY A 56 15.80 -0.16 -9.55
C GLY A 56 14.43 -0.52 -9.00
N VAL A 57 14.17 -0.17 -7.74
CA VAL A 57 12.86 -0.49 -7.14
C VAL A 57 12.26 0.75 -6.50
N TYR A 58 11.06 1.13 -6.94
CA TYR A 58 10.41 2.35 -6.47
C TYR A 58 9.02 2.03 -5.93
N LYS A 59 8.50 2.91 -5.08
CA LYS A 59 7.18 2.72 -4.46
C LYS A 59 6.39 4.00 -4.56
N VAL A 60 5.15 3.91 -5.02
CA VAL A 60 4.26 5.06 -5.16
C VAL A 60 2.97 4.72 -4.42
N SER A 61 2.62 5.50 -3.41
CA SER A 61 1.45 5.17 -2.58
C SER A 61 0.58 6.40 -2.32
N TRP A 62 -0.73 6.18 -2.23
CA TRP A 62 -1.67 7.28 -2.03
C TRP A 62 -3.04 6.80 -1.64
N THR A 63 -3.85 7.72 -1.13
CA THR A 63 -5.26 7.43 -0.93
C THR A 63 -6.07 8.38 -1.83
N GLU A 64 -7.24 7.92 -2.24
CA GLU A 64 -8.06 8.61 -3.25
C GLU A 64 -9.33 9.24 -2.67
N PRO A 65 -9.93 10.20 -3.42
CA PRO A 65 -11.20 10.81 -2.98
C PRO A 65 -12.32 9.78 -2.83
N THR A 66 -12.19 8.62 -3.49
CA THR A 66 -13.20 7.57 -3.40
C THR A 66 -13.04 6.76 -2.11
N GLY A 67 -11.89 6.92 -1.43
CA GLY A 67 -11.56 6.13 -0.25
C GLY A 67 -10.58 5.00 -0.55
N THR A 68 -10.36 4.72 -1.83
CA THR A 68 -9.44 3.67 -2.24
C THR A 68 -8.00 4.01 -1.83
N ASP A 69 -7.27 3.01 -1.31
CA ASP A 69 -5.84 3.15 -0.97
C ASP A 69 -5.02 2.35 -1.98
N VAL A 70 -3.86 2.88 -2.36
CA VAL A 70 -3.05 2.25 -3.39
C VAL A 70 -1.58 2.25 -3.00
N SER A 71 -0.92 1.12 -3.22
CA SER A 71 0.54 1.08 -3.10
C SER A 71 1.10 0.27 -4.26
N LEU A 72 1.81 0.98 -5.14
CA LEU A 72 2.45 0.36 -6.29
C LEU A 72 3.96 0.30 -6.14
N ASN A 73 4.55 -0.81 -6.60
CA ASN A 73 6.00 -0.87 -6.74
C ASN A 73 6.33 -1.00 -8.21
N PHE A 74 7.37 -0.30 -8.64
CA PHE A 74 7.84 -0.37 -10.02
C PHE A 74 9.28 -0.87 -10.05
N MET A 75 9.56 -1.82 -10.96
CA MET A 75 10.90 -2.34 -11.16
C MET A 75 11.20 -2.13 -12.64
N PRO A 76 11.55 -0.89 -13.02
CA PRO A 76 11.63 -0.51 -14.44
C PRO A 76 12.63 -1.35 -15.26
N GLU A 77 13.77 -1.70 -14.68
CA GLU A 77 14.77 -2.47 -15.42
C GLU A 77 14.31 -3.88 -15.73
N GLU A 78 13.39 -4.41 -14.94
CA GLU A 78 12.84 -5.74 -15.20
C GLU A 78 11.48 -5.64 -15.91
N LYS A 79 11.09 -4.42 -16.24
CA LYS A 79 9.81 -4.15 -16.87
C LYS A 79 8.63 -4.84 -16.15
N ARG A 80 8.64 -4.73 -14.82
CA ARG A 80 7.59 -5.32 -14.00
C ARG A 80 7.10 -4.32 -12.96
N MET A 81 5.84 -4.46 -12.56
CA MET A 81 5.32 -3.71 -11.41
C MET A 81 4.45 -4.64 -10.58
N HIS A 82 4.23 -4.27 -9.31
CA HIS A 82 3.27 -4.95 -8.49
C HIS A 82 2.42 -3.89 -7.81
N GLY A 83 1.12 -4.08 -7.83
CA GLY A 83 0.22 -3.16 -7.15
C GLY A 83 -0.67 -3.86 -6.15
N VAL A 84 -0.98 -3.18 -5.05
CA VAL A 84 -2.05 -3.61 -4.17
CA VAL A 84 -2.06 -3.62 -4.18
C VAL A 84 -3.02 -2.44 -4.03
N ILE A 85 -4.30 -2.71 -4.26
CA ILE A 85 -5.32 -1.69 -4.19
C ILE A 85 -6.34 -2.15 -3.15
N PHE A 86 -6.67 -1.27 -2.22
CA PHE A 86 -7.64 -1.56 -1.18
C PHE A 86 -8.91 -0.80 -1.52
N PHE A 87 -9.88 -1.50 -2.11
CA PHE A 87 -11.11 -0.86 -2.55
C PHE A 87 -12.15 -0.91 -1.45
N PRO A 88 -12.80 0.23 -1.17
CA PRO A 88 -14.01 0.19 -0.35
C PRO A 88 -15.06 -0.74 -0.99
N LYS A 89 -15.88 -1.36 -0.16
CA LYS A 89 -16.93 -2.24 -0.66
C LYS A 89 -17.76 -1.59 -1.79
N TRP A 90 -18.09 -0.31 -1.64
CA TRP A 90 -18.97 0.37 -2.60
C TRP A 90 -18.36 0.51 -3.99
N VAL A 91 -17.04 0.62 -4.05
CA VAL A 91 -16.38 0.74 -5.36
C VAL A 91 -16.45 -0.58 -6.11
N HIS A 92 -16.41 -1.68 -5.36
CA HIS A 92 -16.61 -2.99 -5.95
C HIS A 92 -18.03 -3.14 -6.52
N GLU A 93 -19.02 -2.57 -5.85
CA GLU A 93 -20.42 -2.73 -6.28
C GLU A 93 -20.86 -1.70 -7.32
N ARG A 94 -20.25 -0.53 -7.29
CA ARG A 94 -20.61 0.56 -8.19
C ARG A 94 -19.37 1.22 -8.80
N PRO A 95 -18.50 0.41 -9.45
CA PRO A 95 -17.27 0.93 -10.03
C PRO A 95 -17.55 2.04 -11.04
N ASP A 96 -18.71 1.96 -11.70
CA ASP A 96 -19.10 2.95 -12.71
C ASP A 96 -19.08 4.39 -12.18
N ILE A 97 -19.37 4.56 -10.90
CA ILE A 97 -19.37 5.89 -10.30
C ILE A 97 -17.98 6.53 -10.43
N THR A 98 -16.93 5.71 -10.32
CA THR A 98 -15.56 6.21 -10.35
C THR A 98 -15.02 6.41 -11.76
N VAL A 99 -15.80 5.99 -12.76
CA VAL A 99 -15.38 6.14 -14.15
C VAL A 99 -15.80 7.51 -14.68
N CYS A 100 -14.84 8.43 -14.67
CA CYS A 100 -15.02 9.79 -15.10
C CYS A 100 -13.67 10.50 -14.98
N TYR A 101 -13.60 11.75 -15.43
CA TYR A 101 -12.45 12.59 -15.11
C TYR A 101 -12.63 12.97 -13.65
N GLN A 102 -11.92 12.28 -12.77
CA GLN A 102 -12.22 12.41 -11.35
C GLN A 102 -12.20 13.86 -10.89
N ASN A 103 -11.30 14.66 -11.44
CA ASN A 103 -11.12 16.02 -10.95
C ASN A 103 -12.39 16.87 -11.06
N ASP A 104 -13.26 16.52 -12.01
CA ASP A 104 -14.52 17.24 -12.22
C ASP A 104 -15.62 16.76 -11.28
N TYR A 105 -15.34 15.70 -10.52
CA TYR A 105 -16.37 15.05 -9.71
C TYR A 105 -15.90 14.68 -8.30
N ILE A 106 -15.02 15.49 -7.73
CA ILE A 106 -14.50 15.20 -6.40
C ILE A 106 -15.64 15.13 -5.39
N ASP A 107 -16.59 16.06 -5.48
CA ASP A 107 -17.73 16.08 -4.56
C ASP A 107 -18.53 14.79 -4.64
N LEU A 108 -18.75 14.30 -5.86
CA LEU A 108 -19.47 13.05 -6.05
C LEU A 108 -18.73 11.87 -5.41
N MET A 109 -17.41 11.83 -5.56
CA MET A 109 -16.63 10.72 -4.98
C MET A 109 -16.77 10.73 -3.46
N LYS A 110 -16.72 11.92 -2.88
CA LYS A 110 -16.78 12.07 -1.43
C LYS A 110 -18.18 11.84 -0.86
N GLU A 111 -19.20 12.29 -1.59
CA GLU A 111 -20.57 11.97 -1.25
C GLU A 111 -20.76 10.46 -1.24
N SER A 112 -20.27 9.80 -2.29
CA SER A 112 -20.41 8.35 -2.44
C SER A 112 -19.74 7.55 -1.32
N ARG A 113 -18.52 7.93 -0.95
CA ARG A 113 -17.77 7.15 0.03
C ARG A 113 -18.41 7.24 1.41
N GLU A 114 -19.20 8.30 1.63
CA GLU A 114 -19.91 8.43 2.91
C GLU A 114 -21.29 7.77 2.88
N LYS A 115 -21.94 7.81 1.73
CA LYS A 115 -23.30 7.31 1.58
C LYS A 115 -23.36 5.78 1.52
N TYR A 116 -22.36 5.18 0.87
CA TYR A 116 -22.35 3.73 0.66
C TYR A 116 -21.45 2.98 1.62
N GLU A 117 -21.42 1.65 1.50
CA GLU A 117 -20.64 0.81 2.42
C GLU A 117 -19.15 0.89 2.15
N THR A 118 -18.37 0.92 3.23
CA THR A 118 -16.92 0.89 3.14
C THR A 118 -16.40 -0.53 3.28
N TYR A 119 -17.01 -1.30 4.18
CA TYR A 119 -16.52 -2.62 4.54
C TYR A 119 -17.49 -3.73 4.12
N PRO A 120 -16.98 -4.95 3.86
CA PRO A 120 -15.57 -5.32 3.90
C PRO A 120 -14.84 -4.80 2.67
N LYS A 121 -13.55 -4.52 2.82
CA LYS A 121 -12.79 -4.01 1.71
C LYS A 121 -12.31 -5.15 0.84
N TYR A 122 -11.95 -4.83 -0.39
CA TYR A 122 -11.41 -5.83 -1.27
C TYR A 122 -9.96 -5.49 -1.49
N VAL A 123 -9.07 -6.38 -1.04
CA VAL A 123 -7.64 -6.20 -1.22
C VAL A 123 -7.21 -6.94 -2.47
N VAL A 124 -6.71 -6.19 -3.45
CA VAL A 124 -6.41 -6.74 -4.77
C VAL A 124 -4.93 -6.55 -5.14
N PRO A 125 -4.12 -7.59 -4.92
CA PRO A 125 -2.68 -7.54 -5.22
C PRO A 125 -2.38 -8.28 -6.51
N GLU A 126 -1.64 -7.65 -7.42
CA GLU A 126 -1.34 -8.30 -8.68
C GLU A 126 -0.10 -7.70 -9.36
N PHE A 127 0.70 -8.57 -9.98
CA PHE A 127 1.79 -8.12 -10.85
C PHE A 127 1.26 -7.70 -12.22
N ALA A 128 2.01 -6.83 -12.87
CA ALA A 128 1.75 -6.51 -14.28
C ALA A 128 3.08 -6.30 -15.00
N ASP A 129 3.06 -6.51 -16.32
CA ASP A 129 4.22 -6.21 -17.14
C ASP A 129 4.19 -4.74 -17.54
N ILE A 130 5.35 -4.08 -17.49
CA ILE A 130 5.45 -2.73 -18.04
C ILE A 130 5.63 -2.84 -19.55
N THR A 131 4.63 -2.35 -20.30
CA THR A 131 4.63 -2.51 -21.75
C THR A 131 4.87 -1.20 -22.52
N TYR A 132 5.09 -0.12 -21.78
CA TYR A 132 5.56 1.15 -22.34
C TYR A 132 6.26 1.89 -21.24
N ILE A 133 7.43 2.43 -21.56
CA ILE A 133 8.17 3.22 -20.59
C ILE A 133 9.00 4.28 -21.30
N HIS A 134 8.79 5.53 -20.93
CA HIS A 134 9.45 6.63 -21.61
C HIS A 134 9.66 7.76 -20.62
N HIS A 135 10.88 8.29 -20.55
CA HIS A 135 11.08 9.47 -19.72
C HIS A 135 10.56 10.70 -20.44
N ALA A 136 9.44 11.22 -19.95
CA ALA A 136 8.74 12.33 -20.59
C ALA A 136 9.13 13.66 -19.99
N GLY A 137 9.93 13.62 -18.93
CA GLY A 137 10.31 14.83 -18.24
C GLY A 137 9.31 15.16 -17.14
N VAL A 138 9.66 16.17 -16.36
CA VAL A 138 8.91 16.52 -15.15
C VAL A 138 7.94 17.67 -15.40
N ASN A 139 6.78 17.61 -14.73
CA ASN A 139 5.77 18.68 -14.78
C ASN A 139 5.26 19.01 -16.18
N ASP A 140 5.13 17.99 -17.01
CA ASP A 140 4.59 18.15 -18.33
C ASP A 140 3.08 17.90 -18.27
N GLU A 141 2.32 18.99 -18.35
CA GLU A 141 0.88 18.92 -18.16
C GLU A 141 0.14 18.35 -19.38
N THR A 142 0.88 18.07 -20.46
CA THR A 142 0.25 17.62 -21.69
C THR A 142 0.21 16.10 -21.84
N ILE A 143 0.90 15.39 -20.94
CA ILE A 143 1.01 13.94 -21.07
C ILE A 143 -0.34 13.24 -20.86
N ILE A 144 -1.01 13.56 -19.76
CA ILE A 144 -2.33 13.00 -19.48
C ILE A 144 -3.31 14.17 -19.31
N ALA A 145 -3.95 14.54 -20.42
CA ALA A 145 -4.75 15.77 -20.43
C ALA A 145 -6.11 15.62 -21.09
N GLU A 146 -6.48 14.37 -21.38
CA GLU A 146 -7.77 14.07 -22.00
C GLU A 146 -8.23 12.66 -21.63
N ALA A 147 -9.52 12.41 -21.81
CA ALA A 147 -10.09 11.11 -21.49
C ALA A 147 -9.55 10.04 -22.42
N PRO A 148 -9.44 8.79 -21.93
CA PRO A 148 -8.95 7.73 -22.78
C PRO A 148 -9.97 7.35 -23.85
N TYR A 149 -9.52 6.73 -24.94
CA TYR A 149 -10.41 6.18 -25.95
C TYR A 149 -9.76 4.94 -26.56
N GLU A 150 -10.55 4.10 -27.24
CA GLU A 150 -9.99 2.89 -27.82
C GLU A 150 -8.91 3.26 -28.82
N GLY A 151 -7.74 2.64 -28.67
CA GLY A 151 -6.63 2.91 -29.57
C GLY A 151 -5.61 3.87 -29.00
N MET A 152 -5.97 4.56 -27.92
CA MET A 152 -5.05 5.56 -27.37
C MET A 152 -3.71 4.97 -26.92
N THR A 153 -3.72 3.79 -26.30
CA THR A 153 -2.45 3.16 -25.90
C THR A 153 -1.58 2.85 -27.10
N ASP A 154 -2.19 2.43 -28.20
CA ASP A 154 -1.44 2.19 -29.44
C ASP A 154 -0.82 3.51 -29.92
N GLU A 155 -1.60 4.59 -29.88
CA GLU A 155 -1.09 5.90 -30.26
C GLU A 155 0.07 6.36 -29.38
N ILE A 156 -0.04 6.12 -28.07
CA ILE A 156 1.05 6.45 -27.17
C ILE A 156 2.33 5.72 -27.54
N ARG A 157 2.25 4.42 -27.75
CA ARG A 157 3.44 3.65 -28.09
C ARG A 157 4.00 4.04 -29.45
N ALA A 158 3.12 4.34 -30.41
CA ALA A 158 3.55 4.63 -31.79
C ALA A 158 4.09 6.04 -31.92
N GLY A 159 3.70 6.91 -31.00
CA GLY A 159 4.04 8.31 -31.12
C GLY A 159 5.08 8.63 -30.08
N ARG A 160 5.43 7.59 -29.30
CA ARG A 160 6.39 7.68 -28.21
C ARG A 160 6.04 8.89 -27.35
N LYS A 161 4.80 8.90 -26.88
CA LYS A 161 4.24 10.08 -26.28
C LYS A 161 2.73 10.08 -26.43
N MET B 1 11.33 -16.61 -1.65
CA MET B 1 10.34 -16.53 -0.53
C MET B 1 10.75 -17.34 0.69
N ASP B 2 11.47 -18.44 0.50
CA ASP B 2 11.87 -19.23 1.67
C ASP B 2 12.93 -18.53 2.54
N GLN B 3 13.54 -17.46 2.00
CA GLN B 3 14.49 -16.66 2.76
C GLN B 3 13.79 -15.64 3.64
N PHE B 4 12.53 -15.34 3.30
CA PHE B 4 11.81 -14.25 3.96
C PHE B 4 10.80 -14.81 4.95
N VAL B 5 10.09 -15.83 4.51
CA VAL B 5 9.07 -16.45 5.34
C VAL B 5 9.78 -17.11 6.51
N GLY B 6 9.31 -16.83 7.73
CA GLY B 6 9.97 -17.32 8.93
C GLY B 6 10.80 -16.25 9.63
N LEU B 7 10.97 -15.09 9.01
CA LEU B 7 11.78 -14.03 9.63
C LEU B 7 11.05 -13.39 10.81
N HIS B 8 11.81 -13.12 11.87
CA HIS B 8 11.35 -12.35 13.02
C HIS B 8 12.19 -11.06 13.01
N MET B 9 11.54 -9.90 12.94
CA MET B 9 12.25 -8.62 12.82
C MET B 9 11.72 -7.56 13.80
N ILE B 10 12.62 -6.69 14.25
CA ILE B 10 12.24 -5.46 14.93
C ILE B 10 12.82 -4.31 14.12
N TYR B 11 12.06 -3.24 13.97
CA TYR B 11 12.50 -2.10 13.20
C TYR B 11 11.99 -0.80 13.80
N THR B 12 12.75 0.28 13.61
CA THR B 12 12.30 1.60 14.06
C THR B 12 12.09 2.52 12.88
N TYR B 13 10.86 3.00 12.72
CA TYR B 13 10.56 3.97 11.68
C TYR B 13 11.33 5.25 11.95
N GLU B 14 11.38 6.10 10.92
CA GLU B 14 12.10 7.37 10.99
C GLU B 14 11.39 8.38 11.89
N ASN B 15 10.12 8.11 12.18
CA ASN B 15 9.40 8.91 13.17
C ASN B 15 9.65 8.39 14.60
N GLY B 16 10.44 7.33 14.71
CA GLY B 16 10.87 6.82 16.02
C GLY B 16 10.05 5.65 16.54
N TRP B 17 8.98 5.32 15.83
CA TRP B 17 8.06 4.26 16.27
C TRP B 17 8.70 2.89 16.07
N GLU B 18 8.72 2.07 17.12
CA GLU B 18 9.35 0.74 17.06
C GLU B 18 8.33 -0.38 16.94
N TYR B 19 8.52 -1.20 15.92
CA TYR B 19 7.58 -2.26 15.58
C TYR B 19 8.30 -3.60 15.52
N GLU B 20 7.53 -4.66 15.74
CA GLU B 20 8.07 -6.02 15.70
C GLU B 20 7.14 -6.88 14.85
N ILE B 21 7.73 -7.64 13.93
CA ILE B 21 6.91 -8.48 13.05
C ILE B 21 7.46 -9.89 12.98
N TYR B 22 6.56 -10.86 12.81
CA TYR B 22 6.95 -12.25 12.60
C TYR B 22 6.24 -12.77 11.37
N ILE B 23 7.01 -13.15 10.36
CA ILE B 23 6.43 -13.68 9.13
C ILE B 23 6.18 -15.18 9.35
N LYS B 24 5.03 -15.48 9.93
CA LYS B 24 4.79 -16.80 10.51
C LYS B 24 4.70 -17.87 9.43
N ASN B 25 4.04 -17.54 8.34
CA ASN B 25 4.02 -18.41 7.17
C ASN B 25 3.75 -17.58 5.92
N ASP B 26 3.62 -18.22 4.76
CA ASP B 26 3.58 -17.42 3.53
C ASP B 26 2.32 -16.59 3.34
N HIS B 27 1.41 -16.60 4.31
CA HIS B 27 0.20 -15.78 4.23
C HIS B 27 -0.30 -15.29 5.59
N THR B 28 0.57 -15.32 6.60
CA THR B 28 0.19 -14.93 7.97
C THR B 28 1.31 -14.22 8.71
N ILE B 29 0.97 -13.17 9.46
CA ILE B 29 1.93 -12.55 10.34
C ILE B 29 1.37 -12.39 11.75
N ASP B 30 2.28 -12.31 12.72
CA ASP B 30 1.96 -11.81 14.06
C ASP B 30 2.76 -10.50 14.20
N TYR B 31 2.25 -9.54 14.96
CA TYR B 31 3.08 -8.35 15.21
C TYR B 31 2.79 -7.70 16.54
N ARG B 32 3.71 -6.83 16.95
CA ARG B 32 3.69 -6.27 18.29
C ARG B 32 4.25 -4.86 18.16
N ILE B 33 3.52 -3.87 18.69
CA ILE B 33 3.88 -2.47 18.52
C ILE B 33 4.43 -1.95 19.85
N HIS B 34 5.68 -1.49 19.84
CA HIS B 34 6.37 -1.18 21.08
C HIS B 34 6.34 0.30 21.46
N SER B 35 6.15 1.16 20.47
CA SER B 35 6.07 2.59 20.74
C SER B 35 5.28 3.31 19.66
N GLY B 36 5.13 4.62 19.82
CA GLY B 36 4.40 5.42 18.85
C GLY B 36 2.92 5.50 19.16
N MET B 37 2.14 5.88 18.14
CA MET B 37 0.73 6.21 18.33
C MET B 37 -0.09 5.08 18.95
N VAL B 38 0.28 3.84 18.62
CA VAL B 38 -0.48 2.69 19.10
C VAL B 38 0.40 1.67 19.83
N GLY B 39 1.45 2.17 20.46
CA GLY B 39 2.30 1.34 21.29
C GLY B 39 1.47 0.59 22.31
N GLY B 40 1.74 -0.71 22.45
CA GLY B 40 0.96 -1.59 23.32
C GLY B 40 0.05 -2.52 22.55
N ARG B 41 -0.24 -2.16 21.31
CA ARG B 41 -1.12 -2.97 20.46
C ARG B 41 -0.37 -4.20 19.98
N TRP B 42 -1.06 -5.33 19.92
CA TRP B 42 -0.45 -6.53 19.34
C TRP B 42 -1.48 -7.43 18.70
N VAL B 43 -1.04 -8.21 17.73
CA VAL B 43 -1.95 -8.91 16.84
C VAL B 43 -1.37 -10.26 16.45
N ARG B 44 -2.20 -11.30 16.49
CA ARG B 44 -1.80 -12.62 16.00
C ARG B 44 -2.66 -13.08 14.83
N ASP B 45 -2.05 -13.86 13.93
CA ASP B 45 -2.81 -14.54 12.89
C ASP B 45 -3.47 -13.58 11.90
N GLN B 46 -2.78 -12.50 11.58
CA GLN B 46 -3.26 -11.58 10.54
C GLN B 46 -2.97 -12.17 9.17
N GLU B 47 -4.01 -12.40 8.38
CA GLU B 47 -3.87 -12.84 7.00
C GLU B 47 -3.22 -11.73 6.15
N VAL B 48 -2.25 -12.10 5.33
CA VAL B 48 -1.54 -11.11 4.52
C VAL B 48 -1.27 -11.64 3.12
N ASN B 49 -1.01 -10.70 2.19
CA ASN B 49 -0.43 -11.06 0.89
C ASN B 49 1.07 -10.83 0.95
N ILE B 50 1.87 -11.83 0.60
CA ILE B 50 3.33 -11.67 0.60
C ILE B 50 3.87 -12.02 -0.78
N VAL B 51 4.63 -11.12 -1.38
CA VAL B 51 5.29 -11.41 -2.67
C VAL B 51 6.75 -10.98 -2.66
N LYS B 52 7.54 -11.63 -3.51
CA LYS B 52 8.91 -11.21 -3.75
C LYS B 52 8.90 -10.33 -5.00
N LEU B 53 9.35 -9.09 -4.87
CA LEU B 53 9.34 -8.16 -6.00
C LEU B 53 10.50 -8.40 -6.94
N THR B 54 11.65 -8.74 -6.36
CA THR B 54 12.89 -8.96 -7.09
C THR B 54 13.88 -9.44 -6.04
N LYS B 55 15.08 -9.81 -6.46
CA LYS B 55 16.06 -10.30 -5.49
C LYS B 55 16.18 -9.36 -4.30
N GLY B 56 15.96 -9.88 -3.10
CA GLY B 56 16.17 -9.11 -1.88
C GLY B 56 15.08 -8.13 -1.46
N VAL B 57 13.97 -8.09 -2.20
CA VAL B 57 12.90 -7.13 -1.88
C VAL B 57 11.56 -7.84 -1.81
N TYR B 58 10.88 -7.71 -0.67
CA TYR B 58 9.62 -8.40 -0.46
C TYR B 58 8.54 -7.39 -0.09
N LYS B 59 7.30 -7.79 -0.26
CA LYS B 59 6.18 -6.91 0.01
C LYS B 59 5.13 -7.68 0.80
N VAL B 60 4.65 -7.07 1.88
CA VAL B 60 3.64 -7.65 2.74
C VAL B 60 2.49 -6.64 2.87
N SER B 61 1.28 -7.04 2.48
CA SER B 61 0.14 -6.12 2.48
CA SER B 61 0.14 -6.12 2.47
C SER B 61 -1.12 -6.75 3.07
N TRP B 62 -1.92 -5.94 3.76
CA TRP B 62 -3.14 -6.47 4.36
C TRP B 62 -4.07 -5.35 4.79
N THR B 63 -5.32 -5.73 5.13
CA THR B 63 -6.25 -4.82 5.77
C THR B 63 -6.64 -5.42 7.11
N GLU B 64 -7.00 -4.56 8.06
CA GLU B 64 -7.22 -4.95 9.45
C GLU B 64 -8.69 -4.83 9.86
N PRO B 65 -9.06 -5.48 10.98
CA PRO B 65 -10.42 -5.38 11.51
C PRO B 65 -10.83 -3.94 11.88
N THR B 66 -9.84 -3.06 12.08
CA THR B 66 -10.08 -1.62 12.35
C THR B 66 -10.36 -0.82 11.07
N GLY B 67 -10.06 -1.42 9.92
CA GLY B 67 -10.18 -0.71 8.65
C GLY B 67 -8.86 -0.20 8.10
N THR B 68 -7.82 -0.24 8.92
CA THR B 68 -6.48 0.21 8.52
C THR B 68 -5.95 -0.66 7.39
N ASP B 69 -5.35 -0.01 6.38
CA ASP B 69 -4.67 -0.72 5.30
C ASP B 69 -3.16 -0.55 5.43
N VAL B 70 -2.40 -1.58 5.10
CA VAL B 70 -0.95 -1.56 5.26
C VAL B 70 -0.24 -2.17 4.07
N SER B 71 0.82 -1.51 3.60
CA SER B 71 1.70 -2.10 2.61
C SER B 71 3.14 -1.86 3.02
N LEU B 72 3.84 -2.95 3.31
CA LEU B 72 5.23 -2.89 3.77
C LEU B 72 6.15 -3.49 2.73
N ASN B 73 7.32 -2.89 2.55
CA ASN B 73 8.38 -3.49 1.76
C ASN B 73 9.59 -3.72 2.65
N PHE B 74 10.20 -4.89 2.52
CA PHE B 74 11.38 -5.24 3.31
C PHE B 74 12.58 -5.46 2.41
N MET B 75 13.72 -4.93 2.84
CA MET B 75 14.98 -5.05 2.12
C MET B 75 15.98 -5.64 3.13
N PRO B 76 15.83 -6.93 3.45
CA PRO B 76 16.55 -7.51 4.59
C PRO B 76 18.06 -7.44 4.50
N GLU B 77 18.59 -7.59 3.28
CA GLU B 77 20.05 -7.52 3.07
C GLU B 77 20.62 -6.15 3.45
N GLU B 78 19.79 -5.11 3.37
CA GLU B 78 20.18 -3.75 3.67
C GLU B 78 19.69 -3.32 5.05
N LYS B 79 18.99 -4.21 5.73
CA LYS B 79 18.46 -3.93 7.07
C LYS B 79 17.60 -2.67 7.02
N ARG B 80 16.83 -2.56 5.93
CA ARG B 80 15.89 -1.46 5.76
C ARG B 80 14.52 -1.98 5.37
N MET B 81 13.50 -1.21 5.72
CA MET B 81 12.15 -1.46 5.22
C MET B 81 11.44 -0.12 5.02
N HIS B 82 10.32 -0.16 4.31
CA HIS B 82 9.48 1.04 4.17
C HIS B 82 8.05 0.59 4.37
N GLY B 83 7.29 1.37 5.12
CA GLY B 83 5.90 1.03 5.31
C GLY B 83 4.99 2.21 5.01
N VAL B 84 3.81 1.92 4.46
CA VAL B 84 2.76 2.92 4.37
CA VAL B 84 2.76 2.93 4.36
C VAL B 84 1.54 2.37 5.09
N ILE B 85 1.03 3.14 6.04
CA ILE B 85 -0.14 2.73 6.79
C ILE B 85 -1.22 3.77 6.58
N PHE B 86 -2.39 3.30 6.15
CA PHE B 86 -3.52 4.16 5.90
C PHE B 86 -4.50 3.98 7.05
N PHE B 87 -4.44 4.87 8.04
CA PHE B 87 -5.33 4.78 9.21
C PHE B 87 -6.66 5.48 8.93
N PRO B 88 -7.78 4.83 9.28
CA PRO B 88 -9.05 5.54 9.28
C PRO B 88 -8.96 6.72 10.24
N LYS B 89 -9.67 7.81 9.93
CA LYS B 89 -9.65 8.98 10.79
C LYS B 89 -9.83 8.63 12.27
N TRP B 90 -10.79 7.77 12.57
CA TRP B 90 -11.13 7.49 13.97
C TRP B 90 -10.00 6.83 14.75
N VAL B 91 -9.12 6.11 14.05
CA VAL B 91 -7.97 5.52 14.71
C VAL B 91 -6.97 6.61 15.12
N HIS B 92 -6.80 7.59 14.24
CA HIS B 92 -5.95 8.73 14.58
C HIS B 92 -6.55 9.53 15.74
N GLU B 93 -7.88 9.65 15.73
CA GLU B 93 -8.58 10.44 16.75
C GLU B 93 -8.62 9.71 18.10
N ARG B 94 -8.73 8.38 18.07
CA ARG B 94 -8.84 7.59 19.28
C ARG B 94 -7.97 6.32 19.19
N PRO B 95 -6.65 6.48 19.16
CA PRO B 95 -5.80 5.32 18.96
C PRO B 95 -5.93 4.32 20.10
N ASP B 96 -6.31 4.81 21.29
CA ASP B 96 -6.48 3.97 22.47
C ASP B 96 -7.45 2.81 22.23
N ILE B 97 -8.48 3.03 21.43
CA ILE B 97 -9.45 1.98 21.15
C ILE B 97 -8.78 0.73 20.55
N THR B 98 -7.76 0.95 19.71
CA THR B 98 -7.09 -0.15 19.02
C THR B 98 -5.92 -0.74 19.81
N VAL B 99 -5.57 -0.12 20.93
CA VAL B 99 -4.43 -0.56 21.73
C VAL B 99 -4.87 -1.66 22.71
N CYS B 100 -4.67 -2.90 22.27
CA CYS B 100 -5.05 -4.06 23.03
C CYS B 100 -4.50 -5.28 22.30
N TYR B 101 -4.70 -6.46 22.89
CA TYR B 101 -4.49 -7.71 22.13
C TYR B 101 -5.69 -7.83 21.20
N GLN B 102 -5.51 -7.49 19.93
CA GLN B 102 -6.65 -7.31 19.07
C GLN B 102 -7.53 -8.55 18.95
N ASN B 103 -6.92 -9.72 19.02
CA ASN B 103 -7.65 -10.98 18.87
C ASN B 103 -8.80 -11.17 19.85
N ASP B 104 -8.69 -10.53 21.02
CA ASP B 104 -9.72 -10.60 22.04
C ASP B 104 -10.85 -9.58 21.81
N TYR B 105 -10.63 -8.66 20.86
CA TYR B 105 -11.55 -7.55 20.65
C TYR B 105 -11.90 -7.28 19.18
N ILE B 106 -11.98 -8.33 18.37
CA ILE B 106 -12.29 -8.17 16.96
C ILE B 106 -13.64 -7.47 16.74
N ASP B 107 -14.65 -7.87 17.51
CA ASP B 107 -15.98 -7.28 17.38
C ASP B 107 -15.96 -5.78 17.69
N LEU B 108 -15.21 -5.41 18.72
CA LEU B 108 -15.09 -4.00 19.08
C LEU B 108 -14.47 -3.21 17.92
N MET B 109 -13.44 -3.76 17.28
CA MET B 109 -12.79 -3.07 16.17
C MET B 109 -13.78 -2.85 15.01
N LYS B 110 -14.54 -3.87 14.69
CA LYS B 110 -15.49 -3.80 13.56
C LYS B 110 -16.68 -2.89 13.88
N GLU B 111 -17.12 -2.95 15.13
CA GLU B 111 -18.17 -2.05 15.60
C GLU B 111 -17.71 -0.60 15.49
N SER B 112 -16.50 -0.32 15.96
CA SER B 112 -15.94 1.01 15.91
C SER B 112 -15.77 1.54 14.47
N ARG B 113 -15.31 0.69 13.56
CA ARG B 113 -15.03 1.17 12.21
C ARG B 113 -16.30 1.52 11.44
N GLU B 114 -17.43 0.95 11.85
CA GLU B 114 -18.72 1.28 11.22
C GLU B 114 -19.37 2.50 11.85
N LYS B 115 -19.07 2.73 13.13
CA LYS B 115 -19.73 3.76 13.91
C LYS B 115 -19.04 5.13 13.88
N TYR B 116 -17.72 5.13 13.70
CA TYR B 116 -16.96 6.37 13.67
C TYR B 116 -16.57 6.76 12.24
N GLU B 117 -15.96 7.94 12.10
CA GLU B 117 -15.60 8.46 10.79
C GLU B 117 -14.34 7.81 10.23
N THR B 118 -14.32 7.65 8.91
CA THR B 118 -13.18 7.04 8.24
C THR B 118 -12.28 8.10 7.59
N TYR B 119 -12.90 9.16 7.10
CA TYR B 119 -12.22 10.13 6.24
C TYR B 119 -12.17 11.52 6.87
N PRO B 120 -11.08 12.25 6.60
CA PRO B 120 -9.94 11.84 5.78
C PRO B 120 -9.01 10.89 6.52
N LYS B 121 -8.37 10.01 5.76
CA LYS B 121 -7.44 9.09 6.38
C LYS B 121 -6.16 9.78 6.82
N TYR B 122 -5.52 9.19 7.82
CA TYR B 122 -4.24 9.62 8.32
C TYR B 122 -3.23 8.62 7.78
N VAL B 123 -2.41 9.08 6.85
CA VAL B 123 -1.49 8.19 6.12
C VAL B 123 -0.04 8.43 6.55
N VAL B 124 0.62 7.36 6.94
CA VAL B 124 1.98 7.44 7.48
C VAL B 124 2.91 6.60 6.62
N PRO B 125 3.71 7.26 5.77
CA PRO B 125 4.71 6.56 4.96
C PRO B 125 6.13 6.86 5.41
N GLU B 126 6.85 5.83 5.88
CA GLU B 126 8.18 6.02 6.46
C GLU B 126 9.10 4.83 6.23
N PHE B 127 10.39 5.12 6.09
CA PHE B 127 11.41 4.08 6.13
C PHE B 127 11.65 3.71 7.58
N ALA B 128 12.20 2.51 7.79
CA ALA B 128 12.65 2.11 9.11
C ALA B 128 13.97 1.35 9.02
N ASP B 129 14.76 1.43 10.08
CA ASP B 129 15.97 0.63 10.20
C ASP B 129 15.63 -0.68 10.90
N ILE B 130 16.03 -1.80 10.31
CA ILE B 130 15.86 -3.09 10.96
C ILE B 130 16.98 -3.30 11.98
N THR B 131 16.62 -3.45 13.25
CA THR B 131 17.62 -3.52 14.32
C THR B 131 17.75 -4.94 14.88
N TYR B 132 16.83 -5.81 14.48
CA TYR B 132 16.89 -7.22 14.83
C TYR B 132 16.32 -8.04 13.68
N ILE B 133 17.04 -9.08 13.28
CA ILE B 133 16.53 -9.96 12.24
C ILE B 133 17.03 -11.38 12.46
N HIS B 134 16.09 -12.32 12.52
CA HIS B 134 16.42 -13.71 12.81
C HIS B 134 15.47 -14.64 12.07
N HIS B 135 16.01 -15.70 11.46
CA HIS B 135 15.11 -16.68 10.89
C HIS B 135 14.62 -17.63 11.98
N ALA B 136 13.39 -17.41 12.42
CA ALA B 136 12.84 -18.11 13.57
C ALA B 136 12.14 -19.41 13.18
N GLY B 137 12.06 -19.68 11.88
CA GLY B 137 11.30 -20.82 11.41
C GLY B 137 9.83 -20.48 11.20
N VAL B 138 9.12 -21.41 10.56
CA VAL B 138 7.73 -21.20 10.19
C VAL B 138 6.75 -21.76 11.24
N ASN B 139 5.63 -21.08 11.43
CA ASN B 139 4.56 -21.53 12.31
C ASN B 139 4.93 -21.77 13.78
N ASP B 140 5.89 -20.99 14.27
CA ASP B 140 6.20 -21.00 15.71
C ASP B 140 5.22 -20.12 16.47
N GLU B 141 4.29 -20.75 17.19
CA GLU B 141 3.23 -20.00 17.84
C GLU B 141 3.67 -19.27 19.10
N THR B 142 4.94 -19.41 19.48
CA THR B 142 5.43 -18.83 20.73
C THR B 142 6.22 -17.54 20.53
N ILE B 143 6.55 -17.21 19.28
CA ILE B 143 7.39 -16.02 19.01
C ILE B 143 6.71 -14.74 19.53
N ILE B 144 5.47 -14.53 19.12
CA ILE B 144 4.71 -13.36 19.56
C ILE B 144 3.48 -13.82 20.32
N ALA B 145 3.59 -13.92 21.64
CA ALA B 145 2.55 -14.56 22.44
C ALA B 145 2.26 -13.86 23.76
N GLU B 146 2.75 -12.63 23.91
CA GLU B 146 2.39 -11.80 25.06
C GLU B 146 2.44 -10.32 24.70
N ALA B 147 1.77 -9.50 25.50
CA ALA B 147 1.75 -8.06 25.28
C ALA B 147 3.15 -7.46 25.39
N PRO B 148 3.41 -6.39 24.62
CA PRO B 148 4.71 -5.73 24.73
C PRO B 148 4.88 -5.01 26.07
N TYR B 149 6.12 -4.89 26.54
CA TYR B 149 6.40 -4.12 27.74
C TYR B 149 7.73 -3.39 27.60
N GLU B 150 7.97 -2.43 28.49
CA GLU B 150 9.18 -1.62 28.42
C GLU B 150 10.42 -2.50 28.54
N GLY B 151 11.34 -2.36 27.59
CA GLY B 151 12.58 -3.13 27.61
C GLY B 151 12.55 -4.44 26.85
N MET B 152 11.37 -4.81 26.35
CA MET B 152 11.25 -6.11 25.68
C MET B 152 12.14 -6.23 24.44
N THR B 153 12.20 -5.18 23.63
CA THR B 153 13.01 -5.24 22.41
C THR B 153 14.50 -5.35 22.70
N ASP B 154 14.96 -4.73 23.78
CA ASP B 154 16.37 -4.87 24.17
C ASP B 154 16.64 -6.32 24.59
N GLU B 155 15.70 -6.90 25.33
CA GLU B 155 15.81 -8.31 25.73
C GLU B 155 15.91 -9.23 24.51
N ILE B 156 15.07 -8.97 23.51
CA ILE B 156 15.10 -9.77 22.30
C ILE B 156 16.42 -9.60 21.58
N ARG B 157 16.93 -8.37 21.51
CA ARG B 157 18.20 -8.11 20.83
C ARG B 157 19.37 -8.66 21.63
N ALA B 158 19.27 -8.62 22.95
CA ALA B 158 20.35 -9.13 23.81
C ALA B 158 20.43 -10.65 23.76
N GLY B 159 19.36 -11.29 23.28
CA GLY B 159 19.34 -12.74 23.13
C GLY B 159 18.68 -13.44 24.28
#